data_8B2S
#
_entry.id   8B2S
#
_cell.length_a   99.438
_cell.length_b   99.438
_cell.length_c   133.254
_cell.angle_alpha   90.000
_cell.angle_beta   90.000
_cell.angle_gamma   120.000
#
_symmetry.space_group_name_H-M   'P 31 2 1'
#
loop_
_entity.id
_entity.type
_entity.pdbx_description
1 polymer 'GH24 family muramidase'
2 non-polymer 'POTASSIUM ION'
3 water water
#
_entity_poly.entity_id   1
_entity_poly.type   'polypeptide(L)'
_entity_poly.pdbx_seq_one_letter_code
;YPVKTDLHCRSSPSTSASIVRTYSSGTEVQIQCQTTGTSVQGSNVWDKTQHGCYVADYYVKTGHSGIFTTKCGSSSGGGS
CKPPPINAATVALIKEFEGFVPKPAPDPIGLPTVGYGHLCKTKGCKEVPYSFPLTQETATKLLQSDIKTFTSCVSNYVKD
SVKLNDNQYGALASWAFNVGCGNVQTSSLIKRLNAGENPNTVAAQELPKWKYAGGKVMPGLVRRRNAEVALFKKPSSVQA
HPPKC
;
_entity_poly.pdbx_strand_id   A,B
#
# COMPACT_ATOMS: atom_id res chain seq x y z
N TYR A 1 -8.15 4.07 12.76
CA TYR A 1 -9.48 3.49 13.09
C TYR A 1 -9.28 2.39 14.13
N PRO A 2 -10.08 2.30 15.23
CA PRO A 2 -9.91 1.25 16.22
C PRO A 2 -10.49 -0.07 15.69
N VAL A 3 -9.79 -1.18 15.98
CA VAL A 3 -10.38 -2.50 15.78
C VAL A 3 -11.41 -2.74 16.90
N LYS A 4 -12.52 -3.40 16.56
CA LYS A 4 -13.65 -3.57 17.49
C LYS A 4 -13.45 -4.83 18.33
N THR A 5 -12.49 -5.68 17.98
CA THR A 5 -12.21 -6.90 18.73
C THR A 5 -10.73 -7.24 18.58
N ASP A 6 -10.26 -8.26 19.31
CA ASP A 6 -8.97 -8.89 19.06
C ASP A 6 -9.00 -9.40 17.62
N LEU A 7 -8.15 -8.82 16.78
CA LEU A 7 -8.30 -8.98 15.36
C LEU A 7 -7.00 -9.47 14.75
N HIS A 8 -7.08 -10.63 14.10
CA HIS A 8 -5.94 -11.25 13.44
C HIS A 8 -5.61 -10.48 12.16
N CYS A 9 -4.31 -10.29 11.97
CA CYS A 9 -3.78 -9.62 10.80
C CYS A 9 -3.03 -10.66 9.99
N ARG A 10 -3.55 -10.98 8.79
CA ARG A 10 -3.14 -12.16 8.03
C ARG A 10 -2.26 -11.79 6.84
N SER A 11 -1.54 -12.79 6.31
CA SER A 11 -0.59 -12.57 5.25
C SER A 11 -1.28 -12.36 3.88
N SER A 12 -2.53 -12.83 3.75
CA SER A 12 -3.41 -12.63 2.61
C SER A 12 -4.81 -12.30 3.12
N PRO A 13 -5.70 -11.73 2.28
CA PRO A 13 -7.07 -11.39 2.72
C PRO A 13 -7.99 -12.59 2.76
N SER A 14 -7.72 -13.49 3.73
CA SER A 14 -8.33 -14.81 3.73
C SER A 14 -8.27 -15.39 5.14
N THR A 15 -9.37 -15.97 5.62
CA THR A 15 -9.36 -16.60 6.93
C THR A 15 -8.47 -17.85 6.95
N SER A 16 -8.07 -18.37 5.78
CA SER A 16 -7.15 -19.48 5.65
C SER A 16 -5.67 -19.10 5.68
N ALA A 17 -5.37 -17.80 5.55
CA ALA A 17 -3.99 -17.35 5.47
C ALA A 17 -3.37 -17.32 6.87
N SER A 18 -2.03 -17.36 6.90
CA SER A 18 -1.27 -17.33 8.14
C SER A 18 -1.48 -16.01 8.88
N ILE A 19 -1.40 -16.09 10.21
CA ILE A 19 -1.54 -14.94 11.09
C ILE A 19 -0.16 -14.32 11.27
N VAL A 20 -0.03 -13.03 10.94
CA VAL A 20 1.22 -12.29 11.06
C VAL A 20 1.29 -11.69 12.48
N ARG A 21 0.20 -11.06 12.91
CA ARG A 21 0.09 -10.50 14.24
C ARG A 21 -1.40 -10.38 14.56
N THR A 22 -1.71 -10.14 15.83
CA THR A 22 -3.06 -9.95 16.33
C THR A 22 -3.12 -8.59 17.02
N TYR A 23 -4.08 -7.76 16.60
CA TYR A 23 -4.29 -6.46 17.21
C TYR A 23 -5.29 -6.64 18.36
N SER A 24 -4.97 -6.17 19.56
CA SER A 24 -5.93 -6.24 20.64
C SER A 24 -7.04 -5.20 20.39
N SER A 25 -8.24 -5.52 20.90
CA SER A 25 -9.42 -4.70 20.83
C SER A 25 -9.08 -3.24 21.16
N GLY A 26 -9.52 -2.30 20.31
CA GLY A 26 -9.27 -0.88 20.55
C GLY A 26 -7.98 -0.35 19.91
N THR A 27 -7.10 -1.24 19.44
CA THR A 27 -5.86 -0.82 18.77
C THR A 27 -6.19 -0.07 17.47
N GLU A 28 -5.42 0.98 17.20
CA GLU A 28 -5.54 1.79 15.99
C GLU A 28 -4.89 1.09 14.81
N VAL A 29 -5.60 1.04 13.68
CA VAL A 29 -5.01 0.65 12.42
C VAL A 29 -5.18 1.77 11.40
N GLN A 30 -4.17 1.92 10.53
CA GLN A 30 -4.25 2.81 9.38
C GLN A 30 -4.31 1.94 8.13
N ILE A 31 -5.22 2.31 7.21
CA ILE A 31 -5.52 1.46 6.07
C ILE A 31 -4.70 1.98 4.88
N GLN A 32 -3.75 1.18 4.39
CA GLN A 32 -3.03 1.54 3.17
C GLN A 32 -3.95 1.45 1.95
N CYS A 33 -4.69 0.35 1.90
CA CYS A 33 -5.48 -0.02 0.75
C CYS A 33 -6.45 -1.12 1.18
N GLN A 34 -7.49 -1.34 0.36
CA GLN A 34 -8.52 -2.33 0.64
C GLN A 34 -8.61 -3.30 -0.53
N THR A 35 -9.08 -4.50 -0.22
CA THR A 35 -9.24 -5.52 -1.23
C THR A 35 -10.43 -6.39 -0.83
N THR A 36 -10.81 -7.36 -1.67
CA THR A 36 -11.88 -8.29 -1.34
C THR A 36 -11.24 -9.64 -1.06
N GLY A 37 -11.87 -10.42 -0.19
CA GLY A 37 -11.43 -11.78 0.08
C GLY A 37 -12.56 -12.53 0.77
N THR A 38 -12.24 -13.32 1.82
CA THR A 38 -13.23 -14.13 2.51
C THR A 38 -14.31 -13.23 3.08
N SER A 39 -15.56 -13.69 3.01
CA SER A 39 -16.68 -13.00 3.62
C SER A 39 -16.63 -13.21 5.13
N VAL A 40 -16.64 -12.11 5.89
CA VAL A 40 -16.60 -12.15 7.35
C VAL A 40 -17.80 -11.35 7.85
N GLN A 41 -18.78 -12.04 8.45
CA GLN A 41 -19.96 -11.39 9.01
C GLN A 41 -20.66 -10.51 7.96
N GLY A 42 -20.74 -11.03 6.72
CA GLY A 42 -21.45 -10.39 5.63
C GLY A 42 -20.60 -9.42 4.81
N SER A 43 -19.33 -9.16 5.18
CA SER A 43 -18.48 -8.27 4.40
C SER A 43 -17.25 -9.01 3.92
N ASN A 44 -16.98 -8.92 2.60
CA ASN A 44 -15.78 -9.51 1.99
C ASN A 44 -14.64 -8.50 1.87
N VAL A 45 -14.73 -7.36 2.56
CA VAL A 45 -13.70 -6.31 2.49
C VAL A 45 -12.59 -6.58 3.51
N TRP A 46 -11.34 -6.54 3.03
CA TRP A 46 -10.13 -6.68 3.83
C TRP A 46 -9.27 -5.42 3.70
N ASP A 47 -8.71 -4.99 4.84
CA ASP A 47 -7.88 -3.81 4.92
C ASP A 47 -6.42 -4.18 5.12
N LYS A 48 -5.56 -3.65 4.25
CA LYS A 48 -4.15 -3.75 4.47
C LYS A 48 -3.72 -2.64 5.44
N THR A 49 -3.09 -3.06 6.55
CA THR A 49 -2.80 -2.19 7.67
C THR A 49 -1.39 -1.61 7.52
N GLN A 50 -1.02 -0.78 8.52
CA GLN A 50 0.31 -0.21 8.61
C GLN A 50 1.40 -1.28 8.66
N HIS A 51 1.06 -2.53 9.06
CA HIS A 51 2.05 -3.61 9.13
C HIS A 51 2.11 -4.44 7.86
N GLY A 52 1.31 -4.09 6.85
CA GLY A 52 1.35 -4.77 5.56
C GLY A 52 0.56 -6.08 5.55
N CYS A 53 -0.15 -6.42 6.64
CA CYS A 53 -0.97 -7.62 6.68
C CYS A 53 -2.43 -7.16 6.54
N TYR A 54 -3.35 -8.13 6.44
CA TYR A 54 -4.74 -7.86 6.10
C TYR A 54 -5.67 -8.20 7.25
N VAL A 55 -6.59 -7.29 7.57
CA VAL A 55 -7.62 -7.55 8.57
C VAL A 55 -9.01 -7.48 7.93
N ALA A 56 -9.96 -8.18 8.53
CA ALA A 56 -11.32 -8.15 8.06
C ALA A 56 -11.93 -6.80 8.44
N ASP A 57 -12.43 -6.08 7.42
CA ASP A 57 -12.89 -4.70 7.57
C ASP A 57 -14.16 -4.63 8.40
N TYR A 58 -14.94 -5.71 8.44
CA TYR A 58 -16.08 -5.77 9.36
C TYR A 58 -15.66 -5.39 10.80
N TYR A 59 -14.44 -5.75 11.22
CA TYR A 59 -14.01 -5.53 12.61
C TYR A 59 -13.19 -4.25 12.78
N VAL A 60 -13.14 -3.39 11.77
CA VAL A 60 -12.48 -2.10 11.88
C VAL A 60 -13.59 -1.03 11.87
N LYS A 61 -13.53 -0.11 12.83
CA LYS A 61 -14.59 0.89 13.03
C LYS A 61 -14.26 2.17 12.24
N THR A 62 -14.66 2.19 10.97
CA THR A 62 -14.36 3.26 10.02
C THR A 62 -15.56 4.15 9.65
N GLY A 63 -16.80 3.68 9.88
CA GLY A 63 -17.97 4.37 9.31
C GLY A 63 -18.33 3.94 7.88
N HIS A 64 -17.54 3.08 7.23
CA HIS A 64 -17.80 2.58 5.87
C HIS A 64 -18.15 1.09 5.88
N SER A 65 -19.03 0.64 4.97
CA SER A 65 -19.26 -0.78 4.64
C SER A 65 -18.51 -1.15 3.35
N GLY A 66 -18.73 -0.39 2.28
CA GLY A 66 -17.98 -0.66 1.07
C GLY A 66 -16.52 -0.20 1.13
N ILE A 67 -15.77 -0.63 0.11
CA ILE A 67 -14.46 -0.08 -0.16
C ILE A 67 -14.56 1.42 -0.40
N PHE A 68 -13.76 2.18 0.36
CA PHE A 68 -13.80 3.63 0.32
C PHE A 68 -12.44 4.20 -0.02
N THR A 69 -11.37 3.41 -0.12
CA THR A 69 -10.05 3.97 -0.41
C THR A 69 -9.40 3.15 -1.52
N THR A 70 -8.12 3.40 -1.78
CA THR A 70 -7.36 2.73 -2.82
C THR A 70 -7.51 1.21 -2.72
N LYS A 71 -7.69 0.54 -3.87
CA LYS A 71 -7.69 -0.92 -3.94
C LYS A 71 -6.24 -1.42 -4.02
N CYS A 72 -5.91 -2.45 -3.24
CA CYS A 72 -4.58 -3.08 -3.22
C CYS A 72 -4.32 -3.74 -4.59
N GLY A 73 -3.09 -3.68 -5.11
CA GLY A 73 -2.75 -4.29 -6.41
CA GLY A 79 3.60 -8.35 6.82
C GLY A 79 4.68 -8.51 7.91
N SER A 80 4.77 -7.56 8.86
CA SER A 80 5.81 -7.55 9.88
C SER A 80 5.34 -8.28 11.15
N CYS A 81 5.99 -9.42 11.39
CA CYS A 81 5.81 -10.32 12.52
C CYS A 81 6.04 -9.58 13.82
N LYS A 82 5.17 -9.84 14.78
CA LYS A 82 5.34 -9.41 16.16
C LYS A 82 6.59 -10.09 16.77
N PRO A 83 7.44 -9.40 17.55
CA PRO A 83 8.44 -10.08 18.39
C PRO A 83 7.81 -11.20 19.21
N PRO A 84 8.49 -12.35 19.36
CA PRO A 84 7.89 -13.46 20.10
C PRO A 84 7.79 -13.17 21.60
N PRO A 85 6.92 -13.92 22.31
CA PRO A 85 6.99 -13.98 23.76
C PRO A 85 8.36 -14.47 24.22
N ILE A 86 8.78 -14.03 25.41
CA ILE A 86 10.01 -14.54 26.01
C ILE A 86 9.81 -16.01 26.43
N ASN A 87 10.90 -16.80 26.39
CA ASN A 87 10.85 -18.22 26.69
C ASN A 87 10.82 -18.46 28.21
N ALA A 88 10.68 -19.74 28.59
CA ALA A 88 10.56 -20.17 29.98
C ALA A 88 11.79 -19.78 30.81
N ALA A 89 12.98 -19.99 30.24
CA ALA A 89 14.22 -19.70 30.93
C ALA A 89 14.34 -18.20 31.22
N THR A 90 13.85 -17.37 30.29
CA THR A 90 13.89 -15.91 30.46
C THR A 90 12.94 -15.50 31.57
N VAL A 91 11.73 -16.04 31.54
CA VAL A 91 10.76 -15.82 32.59
C VAL A 91 11.38 -16.18 33.96
N ALA A 92 12.02 -17.36 34.05
CA ALA A 92 12.63 -17.86 35.28
C ALA A 92 13.70 -16.89 35.77
N LEU A 93 14.51 -16.35 34.84
CA LEU A 93 15.54 -15.40 35.24
C LEU A 93 14.90 -14.12 35.79
N ILE A 94 13.92 -13.56 35.09
CA ILE A 94 13.31 -12.32 35.56
C ILE A 94 12.66 -12.56 36.93
N LYS A 95 12.00 -13.70 37.14
CA LYS A 95 11.37 -14.00 38.41
C LYS A 95 12.40 -14.05 39.55
N GLU A 96 13.58 -14.65 39.28
CA GLU A 96 14.68 -14.76 40.25
C GLU A 96 15.08 -13.36 40.72
N PHE A 97 15.24 -12.41 39.77
CA PHE A 97 15.74 -11.08 40.08
C PHE A 97 14.63 -10.09 40.47
N GLU A 98 13.38 -10.29 40.04
CA GLU A 98 12.30 -9.37 40.42
C GLU A 98 11.54 -9.89 41.62
N GLY A 99 11.58 -11.21 41.86
CA GLY A 99 10.76 -11.79 42.90
C GLY A 99 9.30 -11.85 42.47
N PHE A 100 8.48 -12.38 43.37
CA PHE A 100 7.04 -12.53 43.16
C PHE A 100 6.29 -11.78 44.23
N VAL A 101 5.39 -10.86 43.84
CA VAL A 101 4.54 -10.16 44.78
C VAL A 101 3.08 -10.48 44.42
N PRO A 102 2.35 -11.26 45.22
CA PRO A 102 0.99 -11.67 44.85
C PRO A 102 -0.05 -10.54 44.90
N LYS A 103 0.13 -9.56 45.80
CA LYS A 103 -0.82 -8.46 45.93
C LYS A 103 -0.10 -7.15 46.27
N PRO A 104 -0.67 -5.97 45.94
CA PRO A 104 -0.03 -4.70 46.23
C PRO A 104 0.11 -4.52 47.74
N ALA A 105 1.20 -3.88 48.19
CA ALA A 105 1.31 -3.51 49.59
C ALA A 105 0.06 -2.72 49.97
N PRO A 106 -0.48 -2.97 51.19
CA PRO A 106 -1.85 -2.58 51.53
C PRO A 106 -2.15 -1.08 51.43
N ASP A 107 -1.32 -0.23 52.05
CA ASP A 107 -1.52 1.21 52.00
C ASP A 107 -0.17 1.86 51.69
N PRO A 108 0.28 1.81 50.41
CA PRO A 108 1.69 2.05 50.08
C PRO A 108 2.09 3.53 50.16
N ILE A 109 3.39 3.78 50.37
CA ILE A 109 3.95 5.10 50.17
C ILE A 109 4.50 5.11 48.75
N GLY A 110 3.88 5.95 47.90
CA GLY A 110 4.14 5.91 46.46
C GLY A 110 3.50 4.70 45.80
N LEU A 111 3.85 4.46 44.54
CA LEU A 111 3.21 3.43 43.73
C LEU A 111 3.86 2.08 44.04
N PRO A 112 3.03 1.02 44.25
CA PRO A 112 3.55 -0.31 44.58
C PRO A 112 3.93 -1.14 43.36
N THR A 113 4.47 -2.35 43.63
CA THR A 113 4.72 -3.34 42.60
C THR A 113 3.84 -4.59 42.84
N VAL A 114 3.65 -5.38 41.77
CA VAL A 114 3.00 -6.68 41.88
C VAL A 114 3.66 -7.62 40.88
N GLY A 115 3.39 -8.91 41.05
CA GLY A 115 3.79 -9.91 40.07
C GLY A 115 5.30 -10.02 40.02
N TYR A 116 5.88 -10.06 38.82
CA TYR A 116 7.31 -10.08 38.61
C TYR A 116 7.79 -8.71 38.13
N GLY A 117 7.99 -7.79 39.09
CA GLY A 117 8.52 -6.47 38.82
C GLY A 117 7.59 -5.50 38.07
N HIS A 118 6.28 -5.67 38.23
CA HIS A 118 5.32 -4.78 37.59
C HIS A 118 5.10 -3.59 38.50
N LEU A 119 5.51 -2.42 38.02
CA LEU A 119 5.26 -1.19 38.74
C LEU A 119 3.84 -0.71 38.41
N CYS A 120 3.00 -0.57 39.42
CA CYS A 120 1.61 -0.14 39.22
C CYS A 120 1.53 1.34 38.93
N LYS A 121 0.45 1.73 38.24
CA LYS A 121 0.16 3.11 37.85
C LYS A 121 -0.73 3.77 38.89
N THR A 122 -1.46 2.99 39.69
CA THR A 122 -2.21 3.52 40.83
C THR A 122 -1.86 2.69 42.06
N LYS A 123 -2.18 3.23 43.24
CA LYS A 123 -1.90 2.59 44.51
C LYS A 123 -2.67 1.27 44.66
N GLY A 124 -3.91 1.23 44.13
CA GLY A 124 -4.75 0.04 44.18
C GLY A 124 -4.32 -0.97 43.10
N CYS A 125 -3.69 -0.46 42.04
CA CYS A 125 -3.15 -1.33 41.01
C CYS A 125 -4.29 -2.09 40.28
N LYS A 126 -5.51 -1.53 40.32
CA LYS A 126 -6.71 -2.23 39.88
C LYS A 126 -6.76 -2.31 38.34
N GLU A 127 -6.03 -1.40 37.66
CA GLU A 127 -5.80 -1.44 36.22
C GLU A 127 -5.03 -2.68 35.71
N VAL A 128 -4.41 -3.47 36.58
CA VAL A 128 -3.89 -4.78 36.20
C VAL A 128 -5.09 -5.67 35.90
N PRO A 129 -5.17 -6.41 34.76
CA PRO A 129 -6.38 -7.15 34.41
C PRO A 129 -6.50 -8.57 34.97
N TYR A 130 -5.92 -8.85 36.14
CA TYR A 130 -6.01 -10.15 36.78
C TYR A 130 -6.38 -9.93 38.24
N SER A 131 -7.08 -10.92 38.81
CA SER A 131 -7.51 -10.92 40.20
C SER A 131 -6.30 -11.00 41.12
N PHE A 132 -6.34 -10.25 42.23
CA PHE A 132 -5.37 -10.40 43.30
C PHE A 132 -5.93 -11.42 44.30
N PRO A 133 -5.12 -12.32 44.90
CA PRO A 133 -3.69 -12.40 44.62
C PRO A 133 -3.37 -13.02 43.26
N LEU A 134 -2.28 -12.57 42.62
CA LEU A 134 -1.78 -13.21 41.41
C LEU A 134 -1.29 -14.62 41.74
N THR A 135 -1.29 -15.50 40.74
CA THR A 135 -0.67 -16.80 40.79
C THR A 135 0.57 -16.71 39.92
N GLN A 136 1.40 -17.76 39.88
CA GLN A 136 2.57 -17.78 38.99
C GLN A 136 2.14 -17.61 37.53
N GLU A 137 1.02 -18.23 37.18
CA GLU A 137 0.44 -18.13 35.84
C GLU A 137 0.07 -16.69 35.45
N THR A 138 -0.66 -15.95 36.32
CA THR A 138 -1.12 -14.61 35.97
C THR A 138 0.02 -13.59 36.09
N ALA A 139 0.98 -13.83 36.99
CA ALA A 139 2.20 -13.01 37.05
C ALA A 139 2.98 -13.16 35.76
N THR A 140 3.01 -14.38 35.19
CA THR A 140 3.71 -14.63 33.94
C THR A 140 3.02 -13.92 32.77
N LYS A 141 1.68 -13.97 32.73
CA LYS A 141 0.94 -13.29 31.66
C LYS A 141 1.17 -11.78 31.74
N LEU A 142 1.15 -11.26 32.98
CA LEU A 142 1.42 -9.84 33.21
C LEU A 142 2.82 -9.50 32.71
N LEU A 143 3.81 -10.35 33.02
CA LEU A 143 5.16 -10.11 32.58
C LEU A 143 5.25 -10.14 31.05
N GLN A 144 4.63 -11.15 30.41
CA GLN A 144 4.64 -11.21 28.95
C GLN A 144 4.07 -9.91 28.37
N SER A 145 3.00 -9.33 28.94
CA SER A 145 2.47 -8.05 28.45
C SER A 145 3.49 -6.93 28.64
N ASP A 146 4.03 -6.79 29.85
CA ASP A 146 4.98 -5.73 30.19
C ASP A 146 6.22 -5.79 29.30
N ILE A 147 6.71 -7.01 29.04
CA ILE A 147 8.00 -7.18 28.37
C ILE A 147 7.90 -6.84 26.87
N LYS A 148 6.70 -6.79 26.30
CA LYS A 148 6.52 -6.41 24.90
C LYS A 148 7.20 -5.08 24.54
N THR A 149 7.18 -4.10 25.45
CA THR A 149 7.86 -2.83 25.21
C THR A 149 9.33 -3.05 24.88
N PHE A 150 9.93 -4.01 25.59
CA PHE A 150 11.36 -4.21 25.62
C PHE A 150 11.81 -5.15 24.49
N THR A 151 11.03 -6.20 24.21
CA THR A 151 11.31 -7.03 23.04
C THR A 151 11.14 -6.19 21.77
N SER A 152 10.15 -5.28 21.77
CA SER A 152 9.94 -4.40 20.65
C SER A 152 11.18 -3.52 20.46
N CYS A 153 11.69 -2.86 21.52
CA CYS A 153 12.77 -1.91 21.30
C CYS A 153 14.07 -2.66 21.01
N VAL A 154 14.31 -3.82 21.62
CA VAL A 154 15.49 -4.61 21.27
C VAL A 154 15.45 -4.99 19.79
N SER A 155 14.30 -5.51 19.35
CA SER A 155 14.15 -6.00 17.99
C SER A 155 14.25 -4.83 17.04
N ASN A 156 13.80 -3.62 17.42
CA ASN A 156 13.97 -2.42 16.62
C ASN A 156 15.45 -2.02 16.49
N TYR A 157 16.17 -1.91 17.62
CA TYR A 157 17.51 -1.33 17.59
C TYR A 157 18.57 -2.29 17.04
N VAL A 158 18.37 -3.61 17.18
CA VAL A 158 19.31 -4.57 16.62
C VAL A 158 19.00 -4.73 15.14
N LYS A 159 19.98 -4.59 14.24
CA LYS A 159 19.79 -4.80 12.81
C LYS A 159 19.21 -6.19 12.52
N ASP A 160 18.41 -6.29 11.45
CA ASP A 160 17.74 -7.53 11.13
C ASP A 160 18.71 -8.58 10.58
N SER A 161 19.88 -8.14 10.09
CA SER A 161 20.94 -9.07 9.69
C SER A 161 21.67 -9.72 10.88
N VAL A 162 21.42 -9.25 12.12
CA VAL A 162 21.99 -9.84 13.32
C VAL A 162 20.99 -10.81 13.93
N LYS A 163 21.23 -12.11 13.74
CA LYS A 163 20.30 -13.13 14.18
C LYS A 163 20.57 -13.39 15.65
N LEU A 164 19.51 -13.42 16.47
CA LEU A 164 19.63 -13.74 17.87
C LEU A 164 18.71 -14.93 18.13
N ASN A 165 19.22 -15.91 18.90
CA ASN A 165 18.37 -17.00 19.35
C ASN A 165 17.49 -16.53 20.52
N ASP A 166 16.57 -17.39 20.92
CA ASP A 166 15.60 -17.04 21.96
C ASP A 166 16.23 -16.77 23.33
N ASN A 167 17.36 -17.42 23.64
CA ASN A 167 18.08 -17.18 24.88
C ASN A 167 18.80 -15.82 24.85
N GLN A 168 19.46 -15.51 23.72
CA GLN A 168 20.11 -14.23 23.51
C GLN A 168 19.08 -13.09 23.59
N TYR A 169 17.96 -13.27 22.86
CA TYR A 169 16.89 -12.28 22.81
C TYR A 169 16.26 -12.11 24.17
N GLY A 170 16.02 -13.22 24.88
CA GLY A 170 15.44 -13.13 26.21
C GLY A 170 16.36 -12.43 27.20
N ALA A 171 17.67 -12.74 27.19
CA ALA A 171 18.66 -12.08 28.03
C ALA A 171 18.63 -10.57 27.77
N LEU A 172 18.59 -10.14 26.49
CA LEU A 172 18.53 -8.72 26.20
C LEU A 172 17.20 -8.12 26.66
N ALA A 173 16.10 -8.86 26.53
CA ALA A 173 14.81 -8.35 27.00
C ALA A 173 14.85 -8.06 28.51
N SER A 174 15.45 -8.99 29.29
CA SER A 174 15.61 -8.85 30.75
C SER A 174 16.45 -7.62 31.10
N TRP A 175 17.60 -7.49 30.42
CA TRP A 175 18.43 -6.29 30.56
C TRP A 175 17.66 -5.01 30.24
N ALA A 176 17.00 -5.00 29.08
CA ALA A 176 16.26 -3.83 28.61
C ALA A 176 15.16 -3.43 29.60
N PHE A 177 14.43 -4.43 30.10
CA PHE A 177 13.41 -4.21 31.10
C PHE A 177 13.99 -3.48 32.32
N ASN A 178 15.19 -3.90 32.74
CA ASN A 178 15.88 -3.32 33.89
C ASN A 178 16.45 -1.91 33.61
N VAL A 179 17.02 -1.64 32.42
CA VAL A 179 17.73 -0.38 32.18
C VAL A 179 16.89 0.64 31.40
N GLY A 180 15.83 0.17 30.70
CA GLY A 180 14.99 1.05 29.92
C GLY A 180 15.49 1.15 28.47
N CYS A 181 14.54 1.41 27.56
CA CYS A 181 14.77 1.40 26.12
C CYS A 181 15.75 2.50 25.68
N GLY A 182 15.71 3.68 26.31
CA GLY A 182 16.59 4.78 25.97
C GLY A 182 18.05 4.39 26.21
N ASN A 183 18.32 3.66 27.29
CA ASN A 183 19.63 3.14 27.60
C ASN A 183 20.04 2.04 26.61
N VAL A 184 19.09 1.19 26.19
CA VAL A 184 19.40 0.18 25.18
C VAL A 184 19.86 0.88 23.89
N GLN A 185 19.11 1.90 23.48
CA GLN A 185 19.34 2.60 22.23
C GLN A 185 20.75 3.16 22.15
N THR A 186 21.28 3.71 23.27
CA THR A 186 22.58 4.36 23.27
C THR A 186 23.69 3.41 23.72
N SER A 187 23.39 2.14 23.96
CA SER A 187 24.34 1.19 24.52
C SER A 187 25.43 0.81 23.51
N SER A 188 26.63 0.56 24.03
CA SER A 188 27.72 -0.02 23.25
C SER A 188 27.35 -1.45 22.81
N LEU A 189 26.58 -2.13 23.65
CA LEU A 189 26.09 -3.48 23.32
C LEU A 189 25.40 -3.48 21.95
N ILE A 190 24.41 -2.58 21.74
CA ILE A 190 23.68 -2.52 20.47
C ILE A 190 24.64 -2.14 19.34
N LYS A 191 25.48 -1.16 19.60
CA LYS A 191 26.43 -0.69 18.62
C LYS A 191 27.33 -1.83 18.12
N ARG A 192 27.86 -2.63 19.04
CA ARG A 192 28.81 -3.68 18.68
C ARG A 192 28.11 -4.85 17.97
N LEU A 193 26.90 -5.23 18.42
CA LEU A 193 26.07 -6.20 17.70
C LEU A 193 25.84 -5.77 16.25
N ASN A 194 25.51 -4.48 16.06
CA ASN A 194 25.23 -3.93 14.75
C ASN A 194 26.49 -3.77 13.91
N ALA A 195 27.68 -3.75 14.53
CA ALA A 195 28.93 -3.73 13.77
C ALA A 195 29.33 -5.15 13.36
N GLY A 196 28.56 -6.17 13.76
CA GLY A 196 28.77 -7.52 13.27
C GLY A 196 29.67 -8.33 14.19
N GLU A 197 29.89 -7.87 15.43
CA GLU A 197 30.76 -8.59 16.35
C GLU A 197 29.99 -9.77 16.88
N ASN A 198 30.76 -10.82 17.18
CA ASN A 198 30.25 -12.08 17.70
C ASN A 198 29.31 -11.80 18.87
N PRO A 199 27.99 -12.10 18.77
CA PRO A 199 27.07 -11.74 19.85
C PRO A 199 27.44 -12.19 21.28
N ASN A 200 27.83 -13.46 21.47
CA ASN A 200 28.19 -13.96 22.80
C ASN A 200 29.37 -13.18 23.42
N THR A 201 30.34 -12.77 22.60
CA THR A 201 31.48 -11.96 23.05
C THR A 201 31.01 -10.59 23.50
N VAL A 202 30.16 -9.96 22.67
CA VAL A 202 29.61 -8.64 22.98
C VAL A 202 28.87 -8.68 24.30
N ALA A 203 27.97 -9.65 24.46
CA ALA A 203 27.16 -9.77 25.66
C ALA A 203 28.02 -9.94 26.91
N ALA A 204 28.99 -10.86 26.83
CA ALA A 204 29.87 -11.20 27.95
C ALA A 204 30.68 -9.96 28.38
N GLN A 205 31.10 -9.12 27.42
CA GLN A 205 31.93 -7.95 27.74
C GLN A 205 31.08 -6.76 28.16
N GLU A 206 29.88 -6.61 27.59
CA GLU A 206 29.11 -5.38 27.77
C GLU A 206 28.16 -5.46 28.95
N LEU A 207 27.43 -6.58 29.12
CA LEU A 207 26.41 -6.64 30.15
C LEU A 207 26.99 -6.39 31.55
N PRO A 208 28.18 -6.92 31.94
CA PRO A 208 28.75 -6.64 33.26
C PRO A 208 29.12 -5.19 33.57
N LYS A 209 29.13 -4.32 32.55
CA LYS A 209 29.35 -2.90 32.76
C LYS A 209 28.18 -2.21 33.43
N TRP A 210 26.98 -2.80 33.30
CA TRP A 210 25.74 -2.21 33.78
C TRP A 210 25.49 -2.60 35.25
N LYS A 211 26.37 -2.13 36.14
CA LYS A 211 26.40 -2.61 37.52
C LYS A 211 26.37 -1.47 38.53
N TYR A 212 26.33 -0.21 38.03
CA TYR A 212 26.49 0.99 38.82
C TYR A 212 25.11 1.56 39.12
N ALA A 213 24.92 2.02 40.36
CA ALA A 213 23.80 2.81 40.80
C ALA A 213 24.34 3.87 41.77
N GLY A 214 24.13 5.15 41.45
CA GLY A 214 24.55 6.23 42.31
C GLY A 214 26.06 6.33 42.42
N GLY A 215 26.80 5.96 41.35
CA GLY A 215 28.25 5.93 41.37
C GLY A 215 28.86 4.72 42.10
N LYS A 216 28.02 3.78 42.54
CA LYS A 216 28.40 2.70 43.43
C LYS A 216 28.07 1.38 42.74
N VAL A 217 29.00 0.40 42.79
CA VAL A 217 28.75 -0.93 42.23
C VAL A 217 27.74 -1.64 43.13
N MET A 218 26.67 -2.15 42.54
CA MET A 218 25.61 -2.81 43.27
C MET A 218 25.76 -4.33 43.14
N PRO A 219 25.99 -5.10 44.23
CA PRO A 219 26.17 -6.56 44.13
C PRO A 219 25.03 -7.29 43.44
N GLY A 220 23.80 -6.81 43.65
CA GLY A 220 22.62 -7.35 43.01
C GLY A 220 22.63 -7.21 41.48
N LEU A 221 23.22 -6.10 40.99
CA LEU A 221 23.34 -5.87 39.56
C LEU A 221 24.46 -6.72 38.96
N VAL A 222 25.59 -6.87 39.68
CA VAL A 222 26.65 -7.78 39.26
C VAL A 222 26.07 -9.21 39.09
N ARG A 223 25.29 -9.64 40.08
CA ARG A 223 24.67 -10.95 40.06
C ARG A 223 23.72 -11.08 38.87
N ARG A 224 22.91 -10.04 38.60
CA ARG A 224 21.93 -10.09 37.53
C ARG A 224 22.60 -10.13 36.17
N ARG A 225 23.59 -9.26 35.95
N ARG A 225 23.59 -9.26 35.95
CA ARG A 225 24.33 -9.24 34.69
CA ARG A 225 24.33 -9.24 34.68
C ARG A 225 25.01 -10.58 34.43
C ARG A 225 25.01 -10.58 34.43
N ASN A 226 25.57 -11.22 35.47
CA ASN A 226 26.16 -12.55 35.31
C ASN A 226 25.12 -13.59 34.89
N ALA A 227 23.91 -13.54 35.45
CA ALA A 227 22.83 -14.44 35.08
C ALA A 227 22.35 -14.15 33.66
N GLU A 228 22.35 -12.88 33.25
CA GLU A 228 21.94 -12.49 31.90
C GLU A 228 22.97 -12.97 30.87
N VAL A 229 24.25 -12.81 31.16
CA VAL A 229 25.33 -13.35 30.34
C VAL A 229 25.16 -14.88 30.21
N ALA A 230 24.93 -15.60 31.33
CA ALA A 230 24.82 -17.05 31.26
C ALA A 230 23.63 -17.47 30.39
N LEU A 231 22.50 -16.75 30.50
CA LEU A 231 21.35 -17.05 29.64
C LEU A 231 21.66 -16.72 28.18
N PHE A 232 22.29 -15.57 27.94
CA PHE A 232 22.61 -15.14 26.58
C PHE A 232 23.38 -16.24 25.83
N LYS A 233 24.32 -16.92 26.52
CA LYS A 233 25.25 -17.86 25.93
C LYS A 233 24.67 -19.28 25.90
N LYS A 234 23.49 -19.46 26.51
CA LYS A 234 22.87 -20.77 26.54
C LYS A 234 22.49 -21.15 25.11
N PRO A 235 23.00 -22.30 24.62
CA PRO A 235 22.80 -22.66 23.23
C PRO A 235 21.32 -22.92 22.89
N SER A 236 20.95 -22.52 21.66
CA SER A 236 19.60 -22.74 21.15
C SER A 236 19.62 -22.67 19.62
N SER A 237 18.81 -23.51 18.99
CA SER A 237 18.65 -23.41 17.54
C SER A 237 17.35 -22.67 17.16
N VAL A 238 16.67 -22.00 18.10
CA VAL A 238 15.44 -21.27 17.83
C VAL A 238 15.82 -19.82 17.55
N GLN A 239 15.51 -19.29 16.36
CA GLN A 239 15.71 -17.86 16.10
C GLN A 239 14.54 -17.08 16.69
N ALA A 240 14.84 -16.00 17.40
CA ALA A 240 13.85 -15.09 17.97
C ALA A 240 13.89 -13.71 17.29
N HIS A 241 15.09 -13.26 16.86
CA HIS A 241 15.27 -11.98 16.19
C HIS A 241 16.07 -12.22 14.91
N PRO A 242 15.68 -11.65 13.75
CA PRO A 242 14.38 -10.97 13.59
C PRO A 242 13.23 -11.98 13.72
N PRO A 243 12.00 -11.53 14.06
CA PRO A 243 10.89 -12.45 14.26
C PRO A 243 10.54 -13.20 12.99
N LYS A 244 10.08 -14.44 13.16
CA LYS A 244 9.56 -15.22 12.04
C LYS A 244 8.07 -15.47 12.25
N CYS A 245 7.31 -15.56 11.16
CA CYS A 245 5.87 -15.73 11.23
C CYS A 245 5.34 -16.30 9.92
N TYR B 1 -3.21 14.84 -2.58
CA TYR B 1 -2.15 15.88 -2.70
C TYR B 1 -1.84 16.10 -4.17
N PRO B 2 -1.73 17.35 -4.68
CA PRO B 2 -1.49 17.57 -6.09
C PRO B 2 -0.02 17.30 -6.40
N VAL B 3 0.27 16.74 -7.58
CA VAL B 3 1.64 16.74 -8.07
C VAL B 3 1.98 18.17 -8.52
N LYS B 4 3.24 18.59 -8.33
CA LYS B 4 3.62 19.99 -8.55
C LYS B 4 3.89 20.28 -10.00
N THR B 5 4.07 19.21 -10.79
CA THR B 5 4.46 19.32 -12.17
C THR B 5 4.00 18.04 -12.89
N ASP B 6 4.19 18.02 -14.22
CA ASP B 6 4.03 16.81 -15.02
C ASP B 6 5.01 15.78 -14.51
N LEU B 7 4.51 14.67 -13.96
CA LEU B 7 5.33 13.80 -13.16
C LEU B 7 5.12 12.33 -13.54
N HIS B 8 6.24 11.63 -13.77
CA HIS B 8 6.24 10.22 -14.09
C HIS B 8 6.02 9.39 -12.83
N CYS B 9 5.18 8.37 -12.98
CA CYS B 9 4.91 7.37 -11.95
C CYS B 9 5.54 6.06 -12.41
N ARG B 10 6.55 5.58 -11.65
CA ARG B 10 7.44 4.52 -12.09
C ARG B 10 7.16 3.19 -11.40
N SER B 11 7.71 2.13 -12.00
CA SER B 11 7.42 0.77 -11.58
C SER B 11 8.19 0.39 -10.30
N SER B 12 9.28 1.13 -10.01
CA SER B 12 10.09 1.02 -8.80
C SER B 12 10.42 2.42 -8.32
N PRO B 13 10.83 2.60 -7.03
CA PRO B 13 11.24 3.92 -6.52
C PRO B 13 12.64 4.31 -7.00
N SER B 14 12.74 4.60 -8.30
CA SER B 14 14.02 4.79 -8.96
C SER B 14 13.81 5.64 -10.21
N THR B 15 14.68 6.64 -10.43
CA THR B 15 14.62 7.47 -11.64
C THR B 15 14.88 6.63 -12.89
N SER B 16 15.50 5.46 -12.74
CA SER B 16 15.82 4.53 -13.82
C SER B 16 14.69 3.56 -14.17
N ALA B 17 13.65 3.50 -13.34
CA ALA B 17 12.60 2.51 -13.51
C ALA B 17 11.66 2.94 -14.64
N SER B 18 10.98 1.95 -15.21
CA SER B 18 10.05 2.17 -16.31
C SER B 18 8.86 3.04 -15.86
N ILE B 19 8.32 3.79 -16.83
CA ILE B 19 7.20 4.68 -16.59
C ILE B 19 5.91 3.88 -16.73
N VAL B 20 5.08 3.89 -15.68
CA VAL B 20 3.80 3.22 -15.66
C VAL B 20 2.76 4.21 -16.21
N ARG B 21 2.78 5.44 -15.69
CA ARG B 21 1.89 6.48 -16.17
C ARG B 21 2.48 7.83 -15.80
N THR B 22 1.91 8.88 -16.38
CA THR B 22 2.38 10.23 -16.14
C THR B 22 1.20 11.06 -15.63
N TYR B 23 1.39 11.70 -14.48
CA TYR B 23 0.38 12.58 -13.94
C TYR B 23 0.63 13.99 -14.43
N SER B 24 -0.39 14.63 -15.01
CA SER B 24 -0.25 16.03 -15.37
C SER B 24 -0.25 16.90 -14.10
N SER B 25 0.42 18.05 -14.22
CA SER B 25 0.54 19.04 -13.15
C SER B 25 -0.80 19.26 -12.47
N GLY B 26 -0.84 19.20 -11.13
CA GLY B 26 -2.05 19.48 -10.38
C GLY B 26 -2.92 18.24 -10.16
N THR B 27 -2.58 17.11 -10.78
CA THR B 27 -3.32 15.87 -10.61
C THR B 27 -3.20 15.40 -9.16
N GLU B 28 -4.33 14.98 -8.56
CA GLU B 28 -4.35 14.50 -7.18
C GLU B 28 -3.78 13.08 -7.09
N VAL B 29 -2.90 12.87 -6.14
CA VAL B 29 -2.50 11.52 -5.79
C VAL B 29 -2.85 11.26 -4.32
N GLN B 30 -3.18 10.00 -4.05
CA GLN B 30 -3.31 9.52 -2.69
C GLN B 30 -2.14 8.57 -2.47
N ILE B 31 -1.46 8.77 -1.33
CA ILE B 31 -0.25 8.02 -1.04
C ILE B 31 -0.65 6.81 -0.18
N GLN B 32 -0.47 5.60 -0.71
CA GLN B 32 -0.74 4.40 0.05
C GLN B 32 0.33 4.23 1.13
N CYS B 33 1.58 4.46 0.73
CA CYS B 33 2.72 4.19 1.55
C CYS B 33 3.94 4.90 0.93
N GLN B 34 4.99 5.05 1.75
CA GLN B 34 6.21 5.71 1.35
C GLN B 34 7.36 4.72 1.51
N THR B 35 8.37 4.90 0.66
CA THR B 35 9.54 4.07 0.69
C THR B 35 10.74 4.95 0.34
N THR B 36 11.95 4.39 0.45
CA THR B 36 13.17 5.09 0.10
C THR B 36 13.68 4.55 -1.23
N GLY B 37 14.26 5.43 -2.04
CA GLY B 37 14.89 5.01 -3.28
C GLY B 37 15.91 6.05 -3.71
N THR B 38 15.95 6.36 -5.01
CA THR B 38 16.86 7.34 -5.58
C THR B 38 16.65 8.69 -4.93
N SER B 39 17.75 9.39 -4.69
CA SER B 39 17.70 10.75 -4.16
C SER B 39 17.24 11.73 -5.25
N VAL B 40 16.20 12.51 -4.97
CA VAL B 40 15.68 13.51 -5.91
C VAL B 40 15.58 14.83 -5.16
N GLN B 41 16.40 15.81 -5.53
CA GLN B 41 16.42 17.12 -4.89
C GLN B 41 16.69 16.98 -3.40
N GLY B 42 17.59 16.06 -3.04
CA GLY B 42 18.01 15.89 -1.65
C GLY B 42 17.07 15.00 -0.82
N SER B 43 16.00 14.46 -1.43
CA SER B 43 15.09 13.56 -0.73
C SER B 43 15.11 12.19 -1.41
N ASN B 44 15.33 11.12 -0.60
CA ASN B 44 15.23 9.75 -1.13
C ASN B 44 13.82 9.17 -0.96
N VAL B 45 12.81 10.00 -0.68
CA VAL B 45 11.46 9.51 -0.39
C VAL B 45 10.66 9.39 -1.70
N TRP B 46 10.08 8.20 -1.92
CA TRP B 46 9.17 7.87 -2.98
C TRP B 46 7.81 7.48 -2.40
N ASP B 47 6.76 7.94 -3.07
CA ASP B 47 5.37 7.73 -2.66
C ASP B 47 4.71 6.74 -3.61
N LYS B 48 4.13 5.69 -3.04
CA LYS B 48 3.30 4.79 -3.80
C LYS B 48 1.90 5.39 -3.90
N THR B 49 1.42 5.57 -5.15
CA THR B 49 0.15 6.24 -5.43
C THR B 49 -1.00 5.25 -5.47
N GLN B 50 -2.22 5.78 -5.72
CA GLN B 50 -3.43 5.00 -5.91
C GLN B 50 -3.28 3.99 -7.07
N HIS B 51 -2.35 4.24 -8.01
CA HIS B 51 -2.13 3.34 -9.14
C HIS B 51 -1.06 2.28 -8.85
N GLY B 52 -0.47 2.28 -7.64
CA GLY B 52 0.52 1.29 -7.26
C GLY B 52 1.92 1.56 -7.84
N CYS B 53 2.14 2.71 -8.49
CA CYS B 53 3.46 3.07 -8.98
C CYS B 53 4.03 4.15 -8.05
N TYR B 54 5.31 4.53 -8.28
CA TYR B 54 6.05 5.37 -7.35
C TYR B 54 6.40 6.71 -7.98
N VAL B 55 6.19 7.78 -7.23
CA VAL B 55 6.62 9.12 -7.61
C VAL B 55 7.60 9.66 -6.56
N ALA B 56 8.53 10.51 -7.03
CA ALA B 56 9.47 11.19 -6.17
C ALA B 56 8.72 12.20 -5.33
N ASP B 57 8.90 12.12 -4.00
CA ASP B 57 8.06 12.85 -3.05
C ASP B 57 8.34 14.34 -3.09
N TYR B 58 9.52 14.76 -3.57
CA TYR B 58 9.81 16.17 -3.83
C TYR B 58 8.72 16.80 -4.71
N TYR B 59 8.17 16.04 -5.67
CA TYR B 59 7.24 16.59 -6.64
C TYR B 59 5.77 16.42 -6.24
N VAL B 60 5.52 15.93 -5.02
CA VAL B 60 4.15 15.89 -4.49
C VAL B 60 4.01 16.98 -3.43
N LYS B 61 2.94 17.79 -3.51
CA LYS B 61 2.76 18.92 -2.62
C LYS B 61 1.94 18.50 -1.39
N THR B 62 2.65 17.92 -0.41
CA THR B 62 2.07 17.40 0.84
C THR B 62 2.31 18.31 2.06
N GLY B 63 3.31 19.22 1.99
CA GLY B 63 3.77 19.92 3.18
C GLY B 63 4.84 19.18 4.00
N HIS B 64 5.19 17.94 3.64
CA HIS B 64 6.16 17.14 4.38
C HIS B 64 7.46 16.95 3.58
N SER B 65 8.59 16.85 4.28
CA SER B 65 9.88 16.49 3.70
C SER B 65 10.24 15.07 4.14
N GLY B 66 10.20 14.79 5.43
CA GLY B 66 10.33 13.41 5.89
C GLY B 66 9.14 12.51 5.55
N ILE B 67 9.39 11.19 5.62
CA ILE B 67 8.33 10.20 5.64
C ILE B 67 7.36 10.53 6.76
N PHE B 68 6.08 10.55 6.44
CA PHE B 68 5.04 10.93 7.38
C PHE B 68 3.95 9.86 7.42
N THR B 69 3.99 8.83 6.57
CA THR B 69 2.91 7.83 6.59
C THR B 69 3.53 6.43 6.58
N THR B 70 2.68 5.41 6.45
CA THR B 70 3.09 4.00 6.45
C THR B 70 4.23 3.78 5.46
N LYS B 71 5.23 3.01 5.88
CA LYS B 71 6.30 2.55 5.01
C LYS B 71 5.82 1.32 4.22
N CYS B 72 6.15 1.27 2.93
CA CYS B 72 5.79 0.16 2.04
C CYS B 72 6.57 -1.08 2.47
N GLY B 73 6.01 -2.29 2.33
CA GLY B 73 6.63 -3.50 2.88
CA GLY B 79 1.37 -0.42 -11.21
C GLY B 79 0.40 -0.63 -12.39
N SER B 80 -0.70 0.17 -12.47
CA SER B 80 -1.67 0.09 -13.56
C SER B 80 -1.28 1.00 -14.73
N CYS B 81 -0.88 0.33 -15.82
CA CYS B 81 -0.31 0.93 -17.02
C CYS B 81 -1.35 1.83 -17.65
N LYS B 82 -0.90 3.01 -18.08
CA LYS B 82 -1.68 3.88 -18.92
C LYS B 82 -2.09 3.12 -20.20
N PRO B 83 -3.37 3.17 -20.62
CA PRO B 83 -3.75 2.71 -21.95
C PRO B 83 -2.85 3.32 -23.02
N PRO B 84 -2.50 2.56 -24.06
CA PRO B 84 -1.62 3.09 -25.09
C PRO B 84 -2.30 4.16 -25.96
N PRO B 85 -1.47 4.98 -26.64
CA PRO B 85 -1.99 5.84 -27.71
C PRO B 85 -2.61 4.97 -28.80
N ILE B 86 -3.58 5.54 -29.52
CA ILE B 86 -4.17 4.84 -30.65
C ILE B 86 -3.15 4.86 -31.80
N ASN B 87 -3.20 3.82 -32.63
CA ASN B 87 -2.26 3.67 -33.73
C ASN B 87 -2.64 4.58 -34.92
N ALA B 88 -1.75 4.60 -35.93
CA ALA B 88 -1.87 5.45 -37.10
C ALA B 88 -3.16 5.13 -37.89
N ALA B 89 -3.50 3.84 -38.02
CA ALA B 89 -4.69 3.42 -38.74
C ALA B 89 -5.97 3.95 -38.06
N THR B 90 -5.97 3.97 -36.71
CA THR B 90 -7.10 4.45 -35.95
C THR B 90 -7.22 5.96 -36.12
N VAL B 91 -6.09 6.66 -36.04
CA VAL B 91 -6.05 8.10 -36.30
C VAL B 91 -6.64 8.40 -37.70
N ALA B 92 -6.22 7.61 -38.71
CA ALA B 92 -6.65 7.79 -40.09
C ALA B 92 -8.17 7.58 -40.21
N LEU B 93 -8.69 6.58 -39.49
CA LEU B 93 -10.11 6.32 -39.51
C LEU B 93 -10.88 7.46 -38.86
N ILE B 94 -10.44 7.92 -37.69
CA ILE B 94 -11.19 8.97 -37.03
C ILE B 94 -11.15 10.25 -37.89
N LYS B 95 -10.03 10.52 -38.55
CA LYS B 95 -9.93 11.72 -39.39
C LYS B 95 -10.90 11.65 -40.56
N GLU B 96 -11.05 10.45 -41.16
CA GLU B 96 -11.94 10.21 -42.27
C GLU B 96 -13.36 10.57 -41.88
N PHE B 97 -13.80 10.13 -40.70
CA PHE B 97 -15.19 10.28 -40.27
C PHE B 97 -15.44 11.58 -39.53
N GLU B 98 -14.44 12.16 -38.86
CA GLU B 98 -14.62 13.42 -38.16
C GLU B 98 -14.25 14.60 -39.05
N GLY B 99 -13.43 14.37 -40.10
CA GLY B 99 -12.90 15.46 -40.89
C GLY B 99 -11.83 16.22 -40.11
N PHE B 100 -11.32 17.28 -40.74
CA PHE B 100 -10.34 18.17 -40.18
C PHE B 100 -10.86 19.60 -40.21
N VAL B 101 -10.79 20.29 -39.06
CA VAL B 101 -11.17 21.68 -38.95
C VAL B 101 -9.97 22.43 -38.39
N PRO B 102 -9.31 23.29 -39.19
CA PRO B 102 -8.05 23.90 -38.73
C PRO B 102 -8.24 24.97 -37.64
N LYS B 103 -9.39 25.67 -37.66
CA LYS B 103 -9.65 26.77 -36.76
C LYS B 103 -11.16 26.84 -36.47
N PRO B 104 -11.59 27.43 -35.33
CA PRO B 104 -13.01 27.49 -34.97
C PRO B 104 -13.78 28.29 -36.01
N ALA B 105 -15.02 27.86 -36.27
CA ALA B 105 -15.93 28.63 -37.10
C ALA B 105 -15.96 30.07 -36.55
N PRO B 106 -16.03 31.08 -37.46
CA PRO B 106 -15.66 32.46 -37.12
C PRO B 106 -16.42 33.10 -35.95
N ASP B 107 -17.76 33.09 -36.01
CA ASP B 107 -18.60 33.67 -34.96
C ASP B 107 -19.73 32.68 -34.72
N PRO B 108 -19.44 31.57 -33.99
CA PRO B 108 -20.32 30.40 -34.04
C PRO B 108 -21.62 30.59 -33.27
N ILE B 109 -22.67 29.87 -33.71
CA ILE B 109 -23.86 29.71 -32.89
C ILE B 109 -23.66 28.40 -32.13
N GLY B 110 -23.55 28.53 -30.79
CA GLY B 110 -23.16 27.41 -29.93
C GLY B 110 -21.65 27.19 -30.03
N LEU B 111 -21.20 26.10 -29.42
CA LEU B 111 -19.78 25.79 -29.33
C LEU B 111 -19.29 25.16 -30.62
N PRO B 112 -18.13 25.61 -31.15
CA PRO B 112 -17.56 25.06 -32.38
C PRO B 112 -16.73 23.80 -32.16
N THR B 113 -16.28 23.20 -33.26
CA THR B 113 -15.33 22.11 -33.27
C THR B 113 -14.01 22.53 -33.93
N VAL B 114 -12.93 21.79 -33.61
CA VAL B 114 -11.63 21.94 -34.26
C VAL B 114 -11.01 20.57 -34.37
N GLY B 115 -9.98 20.51 -35.22
CA GLY B 115 -9.19 19.28 -35.28
C GLY B 115 -10.00 18.15 -35.87
N TYR B 116 -9.84 16.95 -35.27
CA TYR B 116 -10.58 15.76 -35.66
C TYR B 116 -11.67 15.48 -34.63
N GLY B 117 -12.80 16.19 -34.76
CA GLY B 117 -13.96 15.98 -33.90
C GLY B 117 -13.84 16.52 -32.47
N HIS B 118 -13.01 17.55 -32.26
CA HIS B 118 -12.85 18.11 -30.92
C HIS B 118 -13.91 19.19 -30.73
N LEU B 119 -14.83 18.95 -29.80
CA LEU B 119 -15.84 19.93 -29.47
C LEU B 119 -15.25 20.88 -28.44
N CYS B 120 -15.23 22.18 -28.74
CA CYS B 120 -14.65 23.17 -27.84
C CYS B 120 -15.56 23.46 -26.66
N LYS B 121 -14.98 23.97 -25.56
CA LYS B 121 -15.72 24.35 -24.37
C LYS B 121 -16.03 25.84 -24.39
N THR B 122 -15.28 26.63 -25.18
CA THR B 122 -15.61 28.03 -25.39
C THR B 122 -15.66 28.29 -26.89
N LYS B 123 -16.27 29.43 -27.26
CA LYS B 123 -16.43 29.83 -28.64
C LYS B 123 -15.06 30.09 -29.30
N GLY B 124 -14.12 30.64 -28.53
CA GLY B 124 -12.78 30.93 -29.03
C GLY B 124 -11.90 29.67 -29.02
N CYS B 125 -12.28 28.69 -28.18
CA CYS B 125 -11.59 27.42 -28.17
C CYS B 125 -10.13 27.58 -27.73
N LYS B 126 -9.81 28.65 -26.98
CA LYS B 126 -8.43 29.05 -26.68
C LYS B 126 -7.81 28.09 -25.64
N GLU B 127 -8.67 27.39 -24.87
CA GLU B 127 -8.25 26.31 -23.97
C GLU B 127 -7.63 25.08 -24.67
N VAL B 128 -7.73 24.94 -25.99
CA VAL B 128 -6.95 23.94 -26.71
C VAL B 128 -5.48 24.40 -26.66
N PRO B 129 -4.48 23.54 -26.31
CA PRO B 129 -3.10 24.01 -26.13
C PRO B 129 -2.22 24.03 -27.38
N TYR B 130 -2.80 24.29 -28.55
CA TYR B 130 -2.06 24.35 -29.81
C TYR B 130 -2.53 25.61 -30.54
N SER B 131 -1.60 26.20 -31.31
CA SER B 131 -1.90 27.40 -32.06
C SER B 131 -2.84 27.06 -33.22
N PHE B 132 -3.78 27.98 -33.46
CA PHE B 132 -4.64 27.91 -34.63
C PHE B 132 -3.96 28.69 -35.75
N PRO B 133 -4.06 28.27 -37.03
CA PRO B 133 -4.72 27.02 -37.42
C PRO B 133 -3.92 25.79 -37.01
N LEU B 134 -4.62 24.69 -36.70
CA LEU B 134 -3.98 23.38 -36.47
C LEU B 134 -3.39 22.88 -37.78
N THR B 135 -2.37 22.01 -37.65
CA THR B 135 -1.86 21.20 -38.73
C THR B 135 -2.34 19.79 -38.46
N GLN B 136 -2.03 18.85 -39.37
CA GLN B 136 -2.37 17.43 -39.16
C GLN B 136 -1.68 16.89 -37.90
N GLU B 137 -0.45 17.33 -37.67
CA GLU B 137 0.30 16.95 -36.49
C GLU B 137 -0.36 17.40 -35.19
N THR B 138 -0.79 18.66 -35.08
CA THR B 138 -1.38 19.17 -33.86
C THR B 138 -2.80 18.67 -33.67
N ALA B 139 -3.55 18.46 -34.76
CA ALA B 139 -4.85 17.81 -34.67
C ALA B 139 -4.71 16.37 -34.14
N THR B 140 -3.64 15.69 -34.56
CA THR B 140 -3.37 14.33 -34.08
C THR B 140 -3.03 14.31 -32.58
N LYS B 141 -2.22 15.26 -32.12
CA LYS B 141 -1.89 15.34 -30.71
C LYS B 141 -3.16 15.62 -29.89
N LEU B 142 -3.98 16.54 -30.41
CA LEU B 142 -5.23 16.88 -29.75
C LEU B 142 -6.11 15.63 -29.67
N LEU B 143 -6.17 14.86 -30.75
CA LEU B 143 -6.98 13.64 -30.73
C LEU B 143 -6.42 12.63 -29.72
N GLN B 144 -5.09 12.44 -29.69
CA GLN B 144 -4.49 11.54 -28.70
C GLN B 144 -4.89 11.97 -27.28
N SER B 145 -4.88 13.28 -26.94
CA SER B 145 -5.38 13.75 -25.65
C SER B 145 -6.84 13.43 -25.43
N ASP B 146 -7.71 13.80 -26.38
CA ASP B 146 -9.15 13.60 -26.25
C ASP B 146 -9.49 12.12 -26.11
N ILE B 147 -8.78 11.26 -26.85
CA ILE B 147 -9.14 9.86 -26.96
C ILE B 147 -8.80 9.11 -25.66
N LYS B 148 -7.95 9.68 -24.80
CA LYS B 148 -7.59 9.05 -23.52
C LYS B 148 -8.82 8.70 -22.68
N THR B 149 -9.84 9.56 -22.69
CA THR B 149 -11.08 9.29 -21.98
C THR B 149 -11.67 7.94 -22.41
N PHE B 150 -11.58 7.67 -23.72
CA PHE B 150 -12.30 6.58 -24.36
C PHE B 150 -11.50 5.29 -24.28
N THR B 151 -10.18 5.38 -24.49
CA THR B 151 -9.32 4.21 -24.26
C THR B 151 -9.37 3.81 -22.79
N SER B 152 -9.46 4.78 -21.89
CA SER B 152 -9.59 4.51 -20.48
C SER B 152 -10.90 3.75 -20.19
N CYS B 153 -12.02 4.21 -20.74
CA CYS B 153 -13.30 3.59 -20.40
C CYS B 153 -13.44 2.22 -21.08
N VAL B 154 -12.96 2.07 -22.30
CA VAL B 154 -12.96 0.78 -22.96
C VAL B 154 -12.13 -0.21 -22.15
N SER B 155 -10.91 0.20 -21.78
CA SER B 155 -10.02 -0.67 -21.05
CA SER B 155 -10.04 -0.69 -21.05
C SER B 155 -10.60 -0.99 -19.67
N ASN B 156 -11.36 -0.07 -19.06
CA ASN B 156 -12.04 -0.33 -17.80
C ASN B 156 -13.18 -1.37 -17.95
N TYR B 157 -14.09 -1.15 -18.90
CA TYR B 157 -15.29 -1.98 -19.01
C TYR B 157 -15.03 -3.36 -19.62
N VAL B 158 -14.02 -3.50 -20.51
CA VAL B 158 -13.64 -4.81 -21.03
C VAL B 158 -12.81 -5.50 -19.98
N LYS B 159 -13.15 -6.75 -19.61
CA LYS B 159 -12.38 -7.53 -18.65
C LYS B 159 -10.90 -7.60 -19.03
N ASP B 160 -10.03 -7.60 -18.02
CA ASP B 160 -8.59 -7.61 -18.26
C ASP B 160 -8.11 -8.95 -18.81
N SER B 161 -8.91 -10.02 -18.63
CA SER B 161 -8.63 -11.34 -19.18
C SER B 161 -9.04 -11.45 -20.65
N VAL B 162 -9.67 -10.42 -21.24
CA VAL B 162 -9.96 -10.39 -22.67
C VAL B 162 -8.87 -9.58 -23.39
N LYS B 163 -8.07 -10.23 -24.23
CA LYS B 163 -7.00 -9.54 -24.94
C LYS B 163 -7.59 -8.88 -26.17
N LEU B 164 -7.18 -7.63 -26.41
CA LEU B 164 -7.48 -6.96 -27.66
C LEU B 164 -6.15 -6.49 -28.26
N ASN B 165 -5.98 -6.66 -29.58
CA ASN B 165 -4.85 -6.07 -30.28
C ASN B 165 -5.13 -4.58 -30.53
N ASP B 166 -4.12 -3.87 -31.07
CA ASP B 166 -4.20 -2.42 -31.22
C ASP B 166 -5.24 -1.99 -32.26
N ASN B 167 -5.50 -2.84 -33.27
CA ASN B 167 -6.54 -2.53 -34.25
C ASN B 167 -7.94 -2.70 -33.64
N GLN B 168 -8.13 -3.78 -32.88
CA GLN B 168 -9.40 -4.00 -32.16
C GLN B 168 -9.66 -2.88 -31.15
N TYR B 169 -8.64 -2.57 -30.37
N TYR B 169 -8.66 -2.60 -30.31
CA TYR B 169 -8.73 -1.54 -29.36
CA TYR B 169 -8.70 -1.52 -29.32
C TYR B 169 -8.95 -0.17 -29.99
C TYR B 169 -8.98 -0.17 -30.00
N GLY B 170 -8.23 0.13 -31.07
CA GLY B 170 -8.42 1.39 -31.80
C GLY B 170 -9.84 1.54 -32.38
N ALA B 171 -10.36 0.46 -32.98
CA ALA B 171 -11.74 0.45 -33.49
C ALA B 171 -12.73 0.76 -32.38
N LEU B 172 -12.58 0.14 -31.20
CA LEU B 172 -13.47 0.43 -30.09
C LEU B 172 -13.27 1.86 -29.55
N ALA B 173 -12.03 2.36 -29.55
CA ALA B 173 -11.80 3.74 -29.15
C ALA B 173 -12.58 4.74 -30.03
N SER B 174 -12.55 4.52 -31.35
CA SER B 174 -13.27 5.33 -32.33
C SER B 174 -14.78 5.26 -32.09
N TRP B 175 -15.29 4.04 -31.92
CA TRP B 175 -16.70 3.88 -31.59
C TRP B 175 -17.08 4.60 -30.30
N ALA B 176 -16.31 4.36 -29.22
CA ALA B 176 -16.55 4.94 -27.91
C ALA B 176 -16.52 6.49 -27.98
N PHE B 177 -15.56 7.03 -28.71
CA PHE B 177 -15.47 8.48 -28.90
C PHE B 177 -16.76 9.03 -29.52
N ASN B 178 -17.33 8.30 -30.48
CA ASN B 178 -18.57 8.67 -31.15
C ASN B 178 -19.81 8.48 -30.26
N VAL B 179 -19.92 7.37 -29.49
CA VAL B 179 -21.16 7.08 -28.77
C VAL B 179 -21.13 7.50 -27.29
N GLY B 180 -19.94 7.69 -26.72
CA GLY B 180 -19.81 8.14 -25.35
C GLY B 180 -19.64 6.94 -24.42
N CYS B 181 -18.95 7.17 -23.30
CA CYS B 181 -18.61 6.14 -22.33
C CYS B 181 -19.85 5.51 -21.69
N GLY B 182 -20.89 6.28 -21.40
CA GLY B 182 -22.10 5.73 -20.81
C GLY B 182 -22.74 4.68 -21.71
N ASN B 183 -22.73 4.94 -23.03
CA ASN B 183 -23.23 3.99 -24.02
C ASN B 183 -22.32 2.76 -24.14
N VAL B 184 -20.99 2.94 -24.07
CA VAL B 184 -20.08 1.80 -24.06
C VAL B 184 -20.43 0.90 -22.88
N GLN B 185 -20.60 1.51 -21.71
CA GLN B 185 -20.82 0.77 -20.47
C GLN B 185 -22.04 -0.15 -20.56
N THR B 186 -23.13 0.30 -21.20
CA THR B 186 -24.37 -0.49 -21.26
C THR B 186 -24.44 -1.34 -22.55
N SER B 187 -23.38 -1.34 -23.37
CA SER B 187 -23.42 -1.96 -24.70
C SER B 187 -23.45 -3.49 -24.59
N SER B 188 -24.15 -4.11 -25.55
CA SER B 188 -24.08 -5.54 -25.76
C SER B 188 -22.71 -5.94 -26.26
N LEU B 189 -22.04 -5.03 -26.98
CA LEU B 189 -20.66 -5.27 -27.43
C LEU B 189 -19.77 -5.66 -26.24
N ILE B 190 -19.78 -4.84 -25.19
CA ILE B 190 -18.95 -5.07 -24.01
C ILE B 190 -19.38 -6.37 -23.33
N LYS B 191 -20.69 -6.51 -23.18
CA LYS B 191 -21.24 -7.68 -22.51
C LYS B 191 -20.76 -8.98 -23.18
N ARG B 192 -20.81 -9.02 -24.51
CA ARG B 192 -20.50 -10.23 -25.25
C ARG B 192 -18.98 -10.50 -25.27
N LEU B 193 -18.15 -9.44 -25.39
CA LEU B 193 -16.70 -9.58 -25.17
C LEU B 193 -16.38 -10.23 -23.83
N ASN B 194 -17.05 -9.75 -22.77
CA ASN B 194 -16.81 -10.18 -21.42
C ASN B 194 -17.37 -11.56 -21.18
N ALA B 195 -18.31 -12.05 -22.03
CA ALA B 195 -18.78 -13.42 -21.92
C ALA B 195 -17.81 -14.38 -22.60
N GLY B 196 -16.82 -13.88 -23.34
CA GLY B 196 -15.81 -14.73 -23.95
C GLY B 196 -16.13 -15.08 -25.40
N GLU B 197 -17.11 -14.40 -26.01
CA GLU B 197 -17.38 -14.60 -27.44
C GLU B 197 -16.24 -14.01 -28.26
N ASN B 198 -16.05 -14.63 -29.42
CA ASN B 198 -14.96 -14.33 -30.33
C ASN B 198 -15.00 -12.84 -30.62
N PRO B 199 -13.97 -12.04 -30.27
CA PRO B 199 -14.03 -10.60 -30.50
C PRO B 199 -14.43 -10.11 -31.90
N ASN B 200 -13.80 -10.64 -32.96
CA ASN B 200 -14.11 -10.26 -34.34
C ASN B 200 -15.60 -10.49 -34.69
N THR B 201 -16.20 -11.58 -34.19
CA THR B 201 -17.62 -11.89 -34.39
C THR B 201 -18.48 -10.85 -33.69
N VAL B 202 -18.15 -10.55 -32.44
CA VAL B 202 -18.90 -9.60 -31.65
C VAL B 202 -18.91 -8.24 -32.36
N ALA B 203 -17.72 -7.78 -32.78
CA ALA B 203 -17.56 -6.47 -33.39
C ALA B 203 -18.38 -6.38 -34.69
N ALA B 204 -18.28 -7.42 -35.53
CA ALA B 204 -18.98 -7.49 -36.81
C ALA B 204 -20.50 -7.44 -36.62
N GLN B 205 -21.01 -8.07 -35.56
CA GLN B 205 -22.44 -8.12 -35.31
C GLN B 205 -22.94 -6.88 -34.57
N GLU B 206 -22.14 -6.31 -33.67
CA GLU B 206 -22.63 -5.28 -32.76
C GLU B 206 -22.42 -3.88 -33.31
N LEU B 207 -21.25 -3.59 -33.88
CA LEU B 207 -20.93 -2.23 -34.27
C LEU B 207 -21.95 -1.70 -35.31
N PRO B 208 -22.41 -2.48 -36.32
CA PRO B 208 -23.43 -2.00 -37.26
C PRO B 208 -24.81 -1.63 -36.71
N LYS B 209 -25.10 -2.03 -35.46
CA LYS B 209 -26.34 -1.64 -34.79
C LYS B 209 -26.39 -0.16 -34.43
N TRP B 210 -25.20 0.44 -34.30
CA TRP B 210 -25.06 1.81 -33.82
C TRP B 210 -25.15 2.79 -35.00
N LYS B 211 -26.33 2.81 -35.65
CA LYS B 211 -26.47 3.52 -36.92
C LYS B 211 -27.65 4.50 -36.93
N TYR B 212 -28.35 4.62 -35.79
CA TYR B 212 -29.57 5.39 -35.67
C TYR B 212 -29.24 6.76 -35.05
N ALA B 213 -29.88 7.80 -35.60
CA ALA B 213 -29.98 9.13 -35.00
C ALA B 213 -31.41 9.63 -35.22
N GLY B 214 -32.08 9.92 -34.09
CA GLY B 214 -33.41 10.49 -34.11
C GLY B 214 -34.43 9.54 -34.72
N GLY B 215 -34.27 8.23 -34.48
CA GLY B 215 -35.17 7.21 -35.03
C GLY B 215 -34.94 6.89 -36.51
N LYS B 216 -33.88 7.43 -37.09
CA LYS B 216 -33.61 7.30 -38.51
C LYS B 216 -32.21 6.68 -38.68
N VAL B 217 -32.06 5.75 -39.65
CA VAL B 217 -30.75 5.23 -40.02
C VAL B 217 -29.94 6.34 -40.72
N MET B 218 -28.73 6.57 -40.25
CA MET B 218 -27.83 7.57 -40.79
C MET B 218 -26.79 6.90 -41.70
N PRO B 219 -26.79 7.16 -43.04
CA PRO B 219 -25.83 6.53 -43.95
C PRO B 219 -24.39 6.70 -43.51
N GLY B 220 -24.05 7.88 -42.97
CA GLY B 220 -22.71 8.15 -42.46
C GLY B 220 -22.30 7.26 -41.29
N LEU B 221 -23.27 6.85 -40.47
CA LEU B 221 -23.00 5.93 -39.39
C LEU B 221 -22.84 4.49 -39.88
N VAL B 222 -23.67 4.07 -40.84
CA VAL B 222 -23.45 2.77 -41.50
C VAL B 222 -22.04 2.71 -42.10
N ARG B 223 -21.64 3.76 -42.83
CA ARG B 223 -20.31 3.82 -43.41
C ARG B 223 -19.22 3.74 -42.33
N ARG B 224 -19.40 4.47 -41.21
CA ARG B 224 -18.43 4.51 -40.13
C ARG B 224 -18.29 3.15 -39.46
N ARG B 225 -19.43 2.52 -39.12
N ARG B 225 -19.43 2.51 -39.16
CA ARG B 225 -19.43 1.24 -38.45
CA ARG B 225 -19.42 1.24 -38.47
C ARG B 225 -18.77 0.18 -39.34
C ARG B 225 -18.76 0.18 -39.36
N ASN B 226 -19.02 0.21 -40.66
CA ASN B 226 -18.34 -0.69 -41.59
C ASN B 226 -16.82 -0.51 -41.56
N ALA B 227 -16.34 0.75 -41.50
CA ALA B 227 -14.91 1.02 -41.43
C ALA B 227 -14.34 0.58 -40.07
N GLU B 228 -15.12 0.74 -38.99
CA GLU B 228 -14.69 0.33 -37.65
C GLU B 228 -14.58 -1.19 -37.57
N VAL B 229 -15.56 -1.91 -38.12
CA VAL B 229 -15.48 -3.36 -38.22
C VAL B 229 -14.25 -3.78 -39.01
N ALA B 230 -13.99 -3.18 -40.18
CA ALA B 230 -12.82 -3.55 -40.99
C ALA B 230 -11.51 -3.29 -40.24
N LEU B 231 -11.43 -2.19 -39.47
CA LEU B 231 -10.23 -1.93 -38.66
C LEU B 231 -10.12 -2.97 -37.54
N PHE B 232 -11.25 -3.23 -36.86
CA PHE B 232 -11.28 -4.19 -35.76
C PHE B 232 -10.65 -5.53 -36.18
N LYS B 233 -10.94 -5.98 -37.41
CA LYS B 233 -10.59 -7.32 -37.86
C LYS B 233 -9.25 -7.32 -38.57
N LYS B 234 -8.63 -6.16 -38.73
CA LYS B 234 -7.34 -6.12 -39.37
C LYS B 234 -6.31 -6.78 -38.44
N PRO B 235 -5.62 -7.85 -38.90
CA PRO B 235 -4.73 -8.62 -38.03
C PRO B 235 -3.57 -7.77 -37.50
N SER B 236 -3.19 -8.09 -36.25
CA SER B 236 -2.10 -7.39 -35.57
C SER B 236 -1.58 -8.29 -34.46
N SER B 237 -0.25 -8.28 -34.24
CA SER B 237 0.32 -9.02 -33.14
C SER B 237 0.66 -8.10 -31.97
N VAL B 238 0.24 -6.82 -32.01
CA VAL B 238 0.52 -5.87 -30.93
C VAL B 238 -0.66 -5.91 -29.96
N GLN B 239 -0.43 -6.25 -28.69
CA GLN B 239 -1.48 -6.21 -27.69
C GLN B 239 -1.63 -4.78 -27.21
N ALA B 240 -2.86 -4.31 -27.11
CA ALA B 240 -3.17 -2.99 -26.59
C ALA B 240 -3.92 -3.07 -25.24
N HIS B 241 -4.78 -4.08 -25.08
CA HIS B 241 -5.58 -4.30 -23.89
C HIS B 241 -5.41 -5.74 -23.40
N PRO B 242 -5.21 -6.00 -22.09
CA PRO B 242 -4.94 -4.95 -21.10
C PRO B 242 -3.61 -4.24 -21.36
N PRO B 243 -3.48 -2.95 -20.95
CA PRO B 243 -2.26 -2.19 -21.18
C PRO B 243 -1.03 -2.85 -20.60
N LYS B 244 0.10 -2.78 -21.31
CA LYS B 244 1.37 -3.24 -20.77
C LYS B 244 2.34 -2.06 -20.65
N CYS B 245 3.31 -2.17 -19.75
CA CYS B 245 4.25 -1.07 -19.53
C CYS B 245 5.51 -1.61 -18.82
#